data_5BRK
#
_entry.id   5BRK
#
_cell.length_a   92.833
_cell.length_b   73.338
_cell.length_c   53.910
_cell.angle_alpha   90.00
_cell.angle_beta   99.06
_cell.angle_gamma   90.00
#
_symmetry.space_group_name_H-M   'C 1 2 1'
#
loop_
_entity.id
_entity.type
_entity.pdbx_description
1 polymer 'MOB kinase activator 1A'
2 polymer 'Serine/threonine-protein kinase LATS1'
3 non-polymer 'ZINC ION'
4 water water
#
loop_
_entity_poly.entity_id
_entity_poly.type
_entity_poly.pdbx_seq_one_letter_code
_entity_poly.pdbx_strand_id
1 'polypeptide(L)'
;GMSFLFSSRSSK(TPO)FKPKKNIPEGSHQYELLKHAEA(TPO)LGSGNLRQAV(MSE)LPEGEDLNEWIAVNTVDFFNQ
IN(MSE)LYGTITEFCTEASCPVMSAGPRYEYHWADGTNIKKPIKCSAPKYIDYL(MSE)TWVQDQLDDETLFPSKIGVP
FPKNF(MSE)SVAKTILKRLFRVYAHIYHQHFDSV(MSE)QLQEEAHLNTSFKHFIFFVQEFNLIDRRELAPLQELIEKL
GSKDR
;
A
2 'polypeptide(L)'
;MHHHHHHGSGDKEKKQITTSPITVRKNKKDEERRESRIQSYSPQAFKFFMEQHVENVLKSHQQRLHRKKQLENEMMRVGL
SQDAQDQMRKMLCQKESNYIRLKRAKMDKSM
;
B
#
loop_
_chem_comp.id
_chem_comp.type
_chem_comp.name
_chem_comp.formula
ZN non-polymer 'ZINC ION' 'Zn 2'
#
# COMPACT_ATOMS: atom_id res chain seq x y z
N SER A 11 16.01 -12.34 2.06
CA SER A 11 16.66 -13.64 1.91
C SER A 11 17.42 -13.98 3.17
N LYS A 12 18.02 -12.95 3.77
CA LYS A 12 18.59 -13.06 5.11
C LYS A 12 17.65 -12.38 6.10
N TPO A 13 16.90 -11.41 5.59
CA TPO A 13 15.94 -10.69 6.41
CB TPO A 13 15.65 -9.34 5.79
CG2 TPO A 13 16.94 -8.53 5.80
OG1 TPO A 13 15.21 -9.58 4.44
P TPO A 13 14.73 -8.23 3.73
O1P TPO A 13 13.62 -8.61 2.61
O2P TPO A 13 15.97 -7.53 2.98
O3P TPO A 13 14.15 -7.27 4.70
C TPO A 13 14.65 -11.49 6.51
O TPO A 13 13.94 -11.42 7.52
H TPO A 13 16.93 -11.15 4.78
HA TPO A 13 16.29 -10.55 7.31
HB TPO A 13 14.87 -8.82 6.35
HG21 TPO A 13 16.75 -7.55 5.36
HG22 TPO A 13 17.71 -9.05 5.23
HG23 TPO A 13 17.28 -8.40 6.83
N PHE A 14 14.35 -12.25 5.46
CA PHE A 14 13.16 -13.09 5.41
C PHE A 14 13.57 -14.55 5.56
N LYS A 15 13.32 -15.09 6.76
CA LYS A 15 13.71 -16.47 7.07
C LYS A 15 12.51 -17.34 7.37
N PRO A 16 11.98 -18.02 6.34
CA PRO A 16 10.99 -19.06 6.64
C PRO A 16 11.63 -20.23 7.37
N LYS A 17 10.88 -20.89 8.25
CA LYS A 17 11.42 -21.93 9.12
C LYS A 17 10.93 -23.30 8.70
N LYS A 18 11.82 -24.09 8.11
CA LYS A 18 11.46 -25.40 7.62
C LYS A 18 11.37 -26.44 8.74
N ASN A 19 11.77 -26.04 9.95
CA ASN A 19 11.74 -26.94 11.09
C ASN A 19 10.39 -26.93 11.83
N ILE A 20 9.42 -26.20 11.30
CA ILE A 20 8.10 -26.08 11.93
C ILE A 20 7.04 -26.88 11.17
N PRO A 21 6.31 -27.79 11.87
CA PRO A 21 5.38 -28.74 11.22
C PRO A 21 4.23 -28.22 10.36
N GLU A 22 3.97 -26.92 10.33
CA GLU A 22 2.85 -26.38 9.55
C GLU A 22 1.53 -26.99 10.00
N GLU A 28 -7.49 -19.91 10.27
CA GLU A 28 -7.93 -19.50 11.61
C GLU A 28 -9.20 -18.67 11.50
N LEU A 29 -9.40 -17.73 12.42
CA LEU A 29 -10.50 -16.78 12.34
C LEU A 29 -10.16 -15.65 11.36
N LEU A 30 -8.96 -15.69 10.78
CA LEU A 30 -8.53 -14.70 9.80
C LEU A 30 -9.50 -14.56 8.65
N LYS A 31 -10.25 -15.63 8.42
CA LYS A 31 -11.16 -15.69 7.30
C LYS A 31 -12.51 -15.10 7.72
N HIS A 32 -12.35 -13.98 8.45
CA HIS A 32 -13.34 -12.95 8.61
C HIS A 32 -13.38 -12.05 7.39
N ALA A 33 -12.83 -12.55 6.30
CA ALA A 33 -12.46 -11.75 5.15
C ALA A 33 -13.60 -11.02 4.44
N GLU A 34 -14.84 -11.49 4.60
CA GLU A 34 -15.98 -10.84 3.97
C GLU A 34 -16.16 -9.43 4.53
N ALA A 35 -15.73 -9.24 5.77
CA ALA A 35 -15.88 -7.97 6.46
C ALA A 35 -14.99 -6.90 5.82
N TPO A 36 -15.61 -5.97 5.11
CA TPO A 36 -14.89 -4.82 4.54
CB TPO A 36 -14.40 -5.13 3.13
CG2 TPO A 36 -13.53 -6.40 3.09
OG1 TPO A 36 -15.55 -5.29 2.27
P TPO A 36 -15.10 -5.30 0.73
O1P TPO A 36 -15.21 -6.81 0.19
O2P TPO A 36 -13.71 -4.83 0.54
O3P TPO A 36 -16.10 -4.37 -0.12
C TPO A 36 -15.82 -3.61 4.52
O TPO A 36 -16.94 -3.65 5.02
HA TPO A 36 -14.12 -4.62 5.11
HB TPO A 36 -13.81 -4.29 2.77
HG21 TPO A 36 -13.19 -6.58 2.07
HG22 TPO A 36 -14.11 -7.25 3.44
HG23 TPO A 36 -12.66 -6.26 3.74
N LEU A 37 -15.30 -2.55 3.92
CA LEU A 37 -16.08 -1.34 3.68
C LEU A 37 -16.43 -1.32 2.20
N GLY A 38 -16.79 -0.17 1.65
CA GLY A 38 -17.16 -0.08 0.26
C GLY A 38 -15.98 -0.05 -0.69
N SER A 39 -15.38 -1.21 -0.94
CA SER A 39 -14.20 -1.29 -1.80
C SER A 39 -14.54 -0.97 -3.26
N GLY A 40 -15.76 -1.29 -3.67
CA GLY A 40 -16.19 -1.07 -5.04
C GLY A 40 -15.31 -1.81 -6.03
N ASN A 41 -15.26 -1.31 -7.26
CA ASN A 41 -14.41 -1.93 -8.28
C ASN A 41 -12.95 -1.61 -8.00
N LEU A 42 -12.38 -2.33 -7.03
CA LEU A 42 -11.06 -2.02 -6.52
C LEU A 42 -9.96 -2.50 -7.47
N ARG A 43 -10.20 -3.62 -8.15
CA ARG A 43 -9.27 -4.12 -9.14
C ARG A 43 -9.01 -3.07 -10.21
N GLN A 44 -10.07 -2.35 -10.59
CA GLN A 44 -9.97 -1.31 -11.59
C GLN A 44 -9.34 -0.05 -11.01
N ALA A 45 -9.54 0.17 -9.72
CA ALA A 45 -9.04 1.36 -9.05
C ALA A 45 -7.52 1.39 -8.97
N VAL A 46 -6.90 0.23 -8.78
CA VAL A 46 -5.45 0.17 -8.60
C VAL A 46 -4.69 0.21 -9.92
N MSE A 47 -5.40 0.11 -11.04
CA MSE A 47 -4.74 0.08 -12.35
C MSE A 47 -4.14 1.42 -12.72
O MSE A 47 -4.66 2.48 -12.34
CB MSE A 47 -5.73 -0.36 -13.43
CG MSE A 47 -5.87 -1.86 -13.52
SE MSE A 47 -7.33 -2.44 -14.68
CE MSE A 47 -7.10 -4.36 -14.45
H MSE A 47 -6.26 0.06 -11.07
HA MSE A 47 -4.04 -0.58 -12.32
HB2 MSE A 47 -6.60 0.02 -13.23
HB3 MSE A 47 -5.42 -0.04 -14.29
HG2 MSE A 47 -5.05 -2.24 -13.87
HG3 MSE A 47 -6.04 -2.21 -12.63
HE1 MSE A 47 -7.77 -4.83 -14.97
HE2 MSE A 47 -6.21 -4.61 -14.75
HE3 MSE A 47 -7.20 -4.58 -13.51
N LEU A 48 -3.03 1.38 -13.44
CA LEU A 48 -2.37 2.58 -13.92
C LEU A 48 -3.28 3.30 -14.92
N PRO A 49 -3.71 4.52 -14.60
CA PRO A 49 -4.53 5.23 -15.58
C PRO A 49 -3.78 5.50 -16.86
N GLU A 50 -4.47 5.44 -18.00
CA GLU A 50 -3.87 5.75 -19.29
C GLU A 50 -3.11 7.06 -19.21
N GLY A 51 -1.84 7.02 -19.59
CA GLY A 51 -1.02 8.21 -19.64
C GLY A 51 -0.30 8.49 -18.34
N GLU A 52 -0.73 7.85 -17.28
CA GLU A 52 -0.13 8.07 -15.97
C GLU A 52 1.24 7.41 -15.92
N ASP A 53 2.16 8.02 -15.18
CA ASP A 53 3.49 7.47 -14.97
C ASP A 53 3.46 6.42 -13.86
N LEU A 54 3.99 5.23 -14.15
CA LEU A 54 3.97 4.14 -13.18
C LEU A 54 4.63 4.55 -11.87
N ASN A 55 5.82 5.14 -11.96
CA ASN A 55 6.54 5.62 -10.77
C ASN A 55 5.67 6.50 -9.89
N GLU A 56 5.04 7.50 -10.50
CA GLU A 56 4.19 8.44 -9.76
C GLU A 56 3.04 7.68 -9.10
N TRP A 57 2.48 6.74 -9.84
CA TRP A 57 1.33 5.97 -9.37
C TRP A 57 1.74 5.04 -8.24
N ILE A 58 2.93 4.46 -8.35
CA ILE A 58 3.47 3.65 -7.27
C ILE A 58 3.73 4.52 -6.05
N ALA A 59 4.29 5.70 -6.29
CA ALA A 59 4.70 6.59 -5.20
C ALA A 59 3.51 7.05 -4.35
N VAL A 60 2.44 7.49 -5.01
CA VAL A 60 1.32 8.07 -4.27
C VAL A 60 0.61 6.97 -3.48
N ASN A 61 0.56 5.77 -4.04
CA ASN A 61 -0.10 4.65 -3.37
C ASN A 61 0.74 4.09 -2.23
N THR A 62 2.06 4.06 -2.42
CA THR A 62 2.95 3.59 -1.37
C THR A 62 2.81 4.48 -0.14
N VAL A 63 2.72 5.79 -0.38
CA VAL A 63 2.54 6.76 0.69
C VAL A 63 1.22 6.52 1.42
N ASP A 64 0.15 6.32 0.65
CA ASP A 64 -1.15 6.09 1.24
C ASP A 64 -1.13 4.81 2.08
N PHE A 65 -0.56 3.74 1.52
CA PHE A 65 -0.48 2.48 2.25
C PHE A 65 0.34 2.62 3.52
N PHE A 66 1.43 3.37 3.44
CA PHE A 66 2.25 3.63 4.62
C PHE A 66 1.42 4.29 5.72
N ASN A 67 0.64 5.30 5.34
CA ASN A 67 -0.21 6.00 6.29
C ASN A 67 -1.22 5.06 6.94
N GLN A 68 -1.88 4.24 6.13
CA GLN A 68 -2.87 3.30 6.63
C GLN A 68 -2.23 2.34 7.63
N ILE A 69 -1.11 1.76 7.22
CA ILE A 69 -0.38 0.81 8.05
C ILE A 69 0.11 1.48 9.32
N ASN A 70 0.54 2.72 9.21
CA ASN A 70 1.02 3.46 10.37
C ASN A 70 -0.08 3.64 11.40
N MSE A 71 -1.30 3.88 10.92
CA MSE A 71 -2.45 4.01 11.81
C MSE A 71 -2.91 2.65 12.31
O MSE A 71 -3.29 2.52 13.47
CB MSE A 71 -3.61 4.70 11.09
CG MSE A 71 -3.42 6.19 10.91
SE MSE A 71 -4.94 7.04 10.04
CE MSE A 71 -4.31 6.96 8.21
H MSE A 71 -1.47 3.97 10.08
HA MSE A 71 -2.20 4.56 12.56
HB2 MSE A 71 -3.70 4.31 10.21
HB3 MSE A 71 -4.42 4.56 11.60
HG2 MSE A 71 -3.30 6.61 11.78
HG3 MSE A 71 -2.64 6.36 10.36
HE1 MSE A 71 -4.98 7.36 7.63
HE2 MSE A 71 -3.48 7.45 8.14
HE3 MSE A 71 -4.16 6.03 7.97
N LEU A 72 -2.86 1.65 11.45
CA LEU A 72 -3.25 0.29 11.81
C LEU A 72 -2.45 -0.20 13.00
N TYR A 73 -1.13 -0.07 12.91
CA TYR A 73 -0.25 -0.54 13.97
C TYR A 73 -0.48 0.26 15.25
N GLY A 74 -0.87 1.52 15.08
CA GLY A 74 -1.14 2.40 16.21
C GLY A 74 -2.25 1.88 17.10
N THR A 75 -3.20 1.17 16.49
CA THR A 75 -4.36 0.67 17.22
C THR A 75 -4.02 -0.52 18.11
N ILE A 76 -3.03 -1.30 17.70
CA ILE A 76 -2.72 -2.56 18.39
C ILE A 76 -1.35 -2.57 19.05
N THR A 77 -0.63 -1.45 18.98
CA THR A 77 0.72 -1.38 19.52
C THR A 77 0.78 -1.69 21.01
N GLU A 78 -0.28 -1.38 21.75
CA GLU A 78 -0.30 -1.66 23.19
C GLU A 78 -0.27 -3.16 23.44
N PHE A 79 -0.85 -3.91 22.50
CA PHE A 79 -0.93 -5.36 22.63
C PHE A 79 0.34 -6.03 22.12
N CYS A 80 1.08 -5.34 21.26
CA CYS A 80 2.34 -5.86 20.74
C CYS A 80 3.50 -5.41 21.61
N THR A 81 4.02 -6.34 22.42
CA THR A 81 5.09 -6.04 23.37
C THR A 81 6.23 -7.03 23.25
N GLU A 82 7.30 -6.78 23.99
CA GLU A 82 8.45 -7.69 24.04
C GLU A 82 8.02 -9.09 24.47
N ALA A 83 7.11 -9.14 25.45
CA ALA A 83 6.65 -10.41 26.00
C ALA A 83 5.85 -11.21 24.98
N SER A 84 4.89 -10.54 24.34
CA SER A 84 3.97 -11.21 23.43
C SER A 84 4.62 -11.55 22.10
N CYS A 85 5.64 -10.81 21.71
CA CYS A 85 6.25 -10.95 20.39
C CYS A 85 7.76 -10.73 20.43
N PRO A 86 8.49 -11.65 21.06
CA PRO A 86 9.94 -11.49 21.26
C PRO A 86 10.75 -11.64 19.96
N VAL A 87 10.11 -12.10 18.89
CA VAL A 87 10.73 -12.12 17.57
C VAL A 87 9.72 -11.62 16.54
N MET A 88 10.18 -10.80 15.60
CA MET A 88 9.29 -10.37 14.52
C MET A 88 8.89 -11.60 13.72
N SER A 89 7.60 -11.81 13.56
CA SER A 89 7.10 -13.02 12.95
C SER A 89 5.78 -12.78 12.21
N ALA A 90 5.40 -13.76 11.41
CA ALA A 90 4.06 -13.83 10.84
C ALA A 90 3.57 -15.24 11.06
N GLY A 91 3.33 -15.59 12.32
CA GLY A 91 3.11 -16.96 12.71
C GLY A 91 4.46 -17.61 12.98
N PRO A 92 4.45 -18.84 13.49
CA PRO A 92 5.71 -19.50 13.85
C PRO A 92 6.60 -19.82 12.65
N ARG A 93 6.01 -20.07 11.48
CA ARG A 93 6.75 -20.52 10.32
C ARG A 93 7.52 -19.41 9.58
N TYR A 94 7.37 -18.16 10.02
CA TYR A 94 8.06 -17.04 9.37
C TYR A 94 8.58 -16.04 10.38
N GLU A 95 9.90 -15.82 10.35
CA GLU A 95 10.55 -14.81 11.17
C GLU A 95 11.17 -13.75 10.28
N TYR A 96 11.32 -12.54 10.80
CA TYR A 96 11.96 -11.45 10.07
C TYR A 96 13.09 -10.83 10.88
N HIS A 97 14.23 -10.67 10.24
CA HIS A 97 15.38 -9.97 10.83
C HIS A 97 15.56 -8.63 10.11
N TRP A 98 15.85 -7.58 10.87
CA TRP A 98 15.95 -6.25 10.32
C TRP A 98 17.31 -5.94 9.70
N ALA A 99 17.29 -5.29 8.54
CA ALA A 99 18.49 -4.80 7.88
C ALA A 99 18.08 -3.84 6.76
N ASP A 100 18.88 -2.79 6.54
CA ASP A 100 18.54 -1.77 5.54
C ASP A 100 19.71 -1.38 4.65
N GLY A 101 20.84 -2.10 4.78
CA GLY A 101 21.97 -1.91 3.89
C GLY A 101 22.63 -0.55 3.94
N THR A 102 22.31 0.26 4.95
CA THR A 102 22.92 1.57 5.12
C THR A 102 23.13 1.91 6.60
N PRO A 107 22.08 -8.80 9.67
CA PRO A 107 20.66 -8.62 9.96
C PRO A 107 20.32 -8.93 11.42
N ILE A 108 19.45 -8.13 12.02
CA ILE A 108 19.19 -8.22 13.45
C ILE A 108 17.94 -9.04 13.78
N LYS A 109 18.15 -10.13 14.51
CA LYS A 109 17.06 -10.80 15.21
C LYS A 109 16.55 -9.87 16.30
N CYS A 110 15.32 -9.37 16.15
CA CYS A 110 14.73 -8.50 17.16
C CYS A 110 13.23 -8.75 17.31
N SER A 111 12.64 -8.16 18.36
CA SER A 111 11.23 -8.34 18.64
C SER A 111 10.37 -7.64 17.60
N ALA A 112 9.09 -7.97 17.58
CA ALA A 112 8.17 -7.38 16.60
C ALA A 112 8.04 -5.87 16.80
N PRO A 113 7.90 -5.41 18.05
CA PRO A 113 7.83 -3.95 18.23
C PRO A 113 9.11 -3.23 17.80
N LYS A 114 10.27 -3.82 18.11
CA LYS A 114 11.54 -3.25 17.67
C LYS A 114 11.65 -3.24 16.15
N TYR A 115 11.38 -4.38 15.53
CA TYR A 115 11.44 -4.50 14.08
C TYR A 115 10.56 -3.45 13.42
N ILE A 116 9.33 -3.34 13.90
CA ILE A 116 8.35 -2.47 13.27
C ILE A 116 8.72 -1.01 13.50
N ASP A 117 9.37 -0.70 14.62
CA ASP A 117 9.84 0.67 14.82
C ASP A 117 10.96 1.00 13.83
N TYR A 118 11.90 0.07 13.67
CA TYR A 118 12.96 0.20 12.67
C TYR A 118 12.34 0.44 11.29
N LEU A 119 11.41 -0.43 10.92
CA LEU A 119 10.78 -0.40 9.61
C LEU A 119 10.10 0.93 9.30
N MSE A 120 9.27 1.39 10.23
CA MSE A 120 8.44 2.56 9.98
C MSE A 120 9.25 3.84 9.94
O MSE A 120 8.95 4.75 9.17
CB MSE A 120 7.33 2.64 11.02
CG MSE A 120 6.39 1.43 11.00
SE MSE A 120 5.51 1.12 9.28
CE MSE A 120 3.91 2.17 9.62
H MSE A 120 9.17 1.05 11.01
HA MSE A 120 8.01 2.45 9.11
HB2 MSE A 120 7.73 2.68 11.90
HB3 MSE A 120 6.80 3.43 10.86
HG2 MSE A 120 6.90 0.63 11.21
HG3 MSE A 120 5.69 1.57 11.67
HE1 MSE A 120 3.34 2.12 8.84
HE2 MSE A 120 3.45 1.80 10.39
HE3 MSE A 120 4.17 3.09 9.79
N THR A 121 10.29 3.93 10.77
CA THR A 121 11.22 5.05 10.68
C THR A 121 11.89 5.01 9.32
N TRP A 122 12.35 3.83 8.94
CA TRP A 122 13.06 3.66 7.67
C TRP A 122 12.19 4.09 6.50
N VAL A 123 10.99 3.52 6.38
CA VAL A 123 10.06 3.90 5.31
C VAL A 123 9.81 5.40 5.29
N GLN A 124 9.61 5.98 6.47
CA GLN A 124 9.33 7.40 6.59
C GLN A 124 10.46 8.23 6.00
N ASP A 125 11.69 7.81 6.26
CA ASP A 125 12.86 8.55 5.77
C ASP A 125 12.95 8.51 4.25
N GLN A 126 12.54 7.38 3.66
CA GLN A 126 12.50 7.26 2.20
C GLN A 126 11.55 8.28 1.62
N LEU A 127 10.33 8.30 2.15
CA LEU A 127 9.26 9.15 1.63
C LEU A 127 9.59 10.62 1.82
N ASP A 128 10.33 10.93 2.87
CA ASP A 128 10.79 12.31 3.11
C ASP A 128 11.97 12.64 2.20
N ASP A 129 12.60 11.62 1.63
CA ASP A 129 13.74 11.80 0.75
C ASP A 129 13.28 12.28 -0.62
N GLU A 130 13.47 13.57 -0.89
CA GLU A 130 13.03 14.20 -2.12
C GLU A 130 13.70 13.60 -3.35
N THR A 131 14.87 13.00 -3.17
CA THR A 131 15.59 12.39 -4.29
C THR A 131 15.00 11.03 -4.64
N LEU A 132 14.13 10.52 -3.76
CA LEU A 132 13.48 9.24 -3.97
C LEU A 132 12.00 9.46 -4.26
N PHE A 133 11.41 10.38 -3.53
CA PHE A 133 10.02 10.74 -3.69
C PHE A 133 9.90 12.24 -3.91
N PRO A 134 10.38 12.71 -5.08
CA PRO A 134 10.31 14.13 -5.43
C PRO A 134 8.89 14.67 -5.36
N SER A 135 8.73 15.85 -4.76
CA SER A 135 7.42 16.47 -4.59
C SER A 135 7.28 17.71 -5.46
N LYS A 136 8.39 18.18 -6.02
CA LYS A 136 8.36 19.28 -6.97
C LYS A 136 8.05 18.77 -8.37
N ILE A 137 7.10 19.42 -9.03
CA ILE A 137 6.78 19.10 -10.42
C ILE A 137 8.00 19.34 -11.30
N GLY A 138 8.29 18.40 -12.18
CA GLY A 138 9.42 18.52 -13.10
C GLY A 138 10.62 17.69 -12.69
N VAL A 139 10.71 17.37 -11.40
CA VAL A 139 11.84 16.60 -10.88
C VAL A 139 11.56 15.10 -11.05
N PRO A 140 12.38 14.42 -11.88
CA PRO A 140 12.12 13.01 -12.14
C PRO A 140 12.42 12.11 -10.94
N PHE A 141 11.90 10.89 -10.99
CA PHE A 141 12.22 9.89 -9.99
C PHE A 141 13.64 9.40 -10.20
N PRO A 142 14.28 8.88 -9.13
CA PRO A 142 15.61 8.29 -9.32
C PRO A 142 15.53 7.07 -10.22
N LYS A 143 16.62 6.74 -10.89
CA LYS A 143 16.62 5.62 -11.83
C LYS A 143 16.16 4.32 -11.19
N ASN A 144 16.48 4.15 -9.92
CA ASN A 144 16.17 2.91 -9.21
C ASN A 144 14.90 2.98 -8.37
N PHE A 145 14.04 3.96 -8.63
CA PHE A 145 12.85 4.16 -7.79
C PHE A 145 12.02 2.90 -7.63
N MSE A 146 11.88 2.13 -8.70
CA MSE A 146 11.07 0.92 -8.65
C MSE A 146 11.60 -0.06 -7.61
O MSE A 146 10.83 -0.62 -6.84
CB MSE A 146 11.03 0.25 -10.02
CG MSE A 146 9.97 0.79 -10.97
SE MSE A 146 8.16 0.80 -10.22
CE MSE A 146 8.20 -0.93 -9.34
H MSE A 146 12.24 2.28 -9.46
HA MSE A 146 10.17 1.16 -8.42
HB2 MSE A 146 11.89 0.36 -10.46
HB3 MSE A 146 10.85 -0.70 -9.90
HG2 MSE A 146 10.20 1.71 -11.20
HG3 MSE A 146 9.95 0.26 -11.78
HE1 MSE A 146 7.36 -1.09 -8.91
HE2 MSE A 146 8.37 -1.61 -10.01
HE3 MSE A 146 8.92 -0.93 -8.69
N SER A 147 12.91 -0.26 -7.59
CA SER A 147 13.50 -1.19 -6.64
C SER A 147 13.29 -0.66 -5.22
N VAL A 148 13.47 0.64 -5.05
CA VAL A 148 13.23 1.29 -3.76
C VAL A 148 11.79 1.10 -3.30
N ALA A 149 10.85 1.33 -4.22
CA ALA A 149 9.44 1.17 -3.90
C ALA A 149 9.10 -0.28 -3.55
N LYS A 150 9.75 -1.21 -4.24
CA LYS A 150 9.47 -2.63 -4.04
C LYS A 150 9.96 -3.13 -2.69
N THR A 151 11.07 -2.58 -2.19
CA THR A 151 11.57 -2.98 -0.88
C THR A 151 10.62 -2.47 0.21
N ILE A 152 10.12 -1.25 0.01
CA ILE A 152 9.22 -0.63 0.98
C ILE A 152 7.94 -1.46 1.11
N LEU A 153 7.30 -1.73 -0.02
CA LEU A 153 6.04 -2.46 -0.02
C LEU A 153 6.26 -3.89 0.50
N LYS A 154 7.36 -4.50 0.09
CA LYS A 154 7.74 -5.83 0.57
C LYS A 154 7.74 -5.89 2.09
N ARG A 155 8.33 -4.89 2.72
CA ARG A 155 8.49 -4.87 4.16
C ARG A 155 7.23 -4.37 4.87
N LEU A 156 6.49 -3.50 4.20
CA LEU A 156 5.22 -3.04 4.75
C LEU A 156 4.24 -4.18 4.87
N PHE A 157 4.32 -5.13 3.94
CA PHE A 157 3.47 -6.31 3.97
C PHE A 157 3.60 -7.05 5.31
N ARG A 158 4.76 -6.94 5.94
CA ARG A 158 5.07 -7.72 7.14
C ARG A 158 4.29 -7.23 8.36
N VAL A 159 3.96 -5.95 8.37
CA VAL A 159 3.12 -5.40 9.45
C VAL A 159 1.75 -6.05 9.39
N TYR A 160 1.16 -6.07 8.19
CA TYR A 160 -0.11 -6.75 7.98
C TYR A 160 -0.03 -8.18 8.47
N ALA A 161 1.00 -8.88 8.01
CA ALA A 161 1.16 -10.30 8.30
C ALA A 161 1.35 -10.55 9.79
N HIS A 162 2.14 -9.70 10.44
CA HIS A 162 2.35 -9.82 11.88
C HIS A 162 1.05 -9.61 12.63
N ILE A 163 0.36 -8.53 12.30
CA ILE A 163 -0.89 -8.19 12.94
C ILE A 163 -1.95 -9.27 12.70
N TYR A 164 -2.07 -9.72 11.47
CA TYR A 164 -3.03 -10.78 11.15
C TYR A 164 -2.73 -12.02 11.99
N HIS A 165 -1.47 -12.46 12.00
CA HIS A 165 -1.11 -13.69 12.70
C HIS A 165 -1.12 -13.57 14.23
N GLN A 166 -0.58 -12.47 14.75
CA GLN A 166 -0.36 -12.35 16.20
C GLN A 166 -1.44 -11.60 16.95
N HIS A 167 -2.18 -10.74 16.26
CA HIS A 167 -3.04 -9.77 16.95
C HIS A 167 -4.44 -9.64 16.37
N PHE A 168 -4.92 -10.66 15.66
CA PHE A 168 -6.27 -10.60 15.12
C PHE A 168 -7.30 -10.62 16.24
N ASP A 169 -6.90 -11.14 17.39
CA ASP A 169 -7.76 -11.13 18.57
C ASP A 169 -8.03 -9.70 19.00
N SER A 170 -6.98 -8.88 19.05
CA SER A 170 -7.10 -7.48 19.45
C SER A 170 -7.81 -6.66 18.36
N VAL A 171 -7.60 -7.03 17.10
CA VAL A 171 -8.28 -6.35 16.00
C VAL A 171 -9.78 -6.56 16.12
N MSE A 172 -10.19 -7.80 16.37
CA MSE A 172 -11.59 -8.13 16.53
C MSE A 172 -12.17 -7.47 17.79
O MSE A 172 -13.35 -7.13 17.84
CB MSE A 172 -11.80 -9.65 16.59
CG MSE A 172 -11.97 -10.30 15.23
SE MSE A 172 -12.34 -12.21 15.38
CE MSE A 172 -10.91 -12.70 16.61
H MSE A 172 -9.66 -8.48 16.46
HA MSE A 172 -12.08 -7.79 15.76
HB2 MSE A 172 -11.02 -10.03 17.01
HB3 MSE A 172 -12.59 -9.83 17.11
HG2 MSE A 172 -12.71 -9.88 14.76
HG3 MSE A 172 -11.15 -10.19 14.71
HE1 MSE A 172 -10.98 -13.66 16.79
HE2 MSE A 172 -10.06 -12.50 16.20
HE3 MSE A 172 -11.02 -12.21 17.44
N GLN A 173 -11.32 -7.29 18.79
CA GLN A 173 -11.72 -6.62 20.03
C GLN A 173 -12.09 -5.18 19.72
N LEU A 174 -11.25 -4.52 18.94
CA LEU A 174 -11.49 -3.13 18.54
C LEU A 174 -12.52 -3.03 17.42
N GLN A 175 -13.07 -4.18 17.02
CA GLN A 175 -14.07 -4.25 15.96
C GLN A 175 -13.60 -3.54 14.69
N GLU A 176 -12.30 -3.65 14.40
CA GLU A 176 -11.73 -2.98 13.25
C GLU A 176 -11.25 -3.97 12.19
N GLU A 177 -11.81 -5.18 12.21
CA GLU A 177 -11.43 -6.20 11.24
C GLU A 177 -11.77 -5.75 9.82
N ALA A 178 -12.94 -5.13 9.67
CA ALA A 178 -13.39 -4.65 8.36
C ALA A 178 -12.43 -3.63 7.80
N HIS A 179 -11.98 -2.73 8.67
CA HIS A 179 -11.09 -1.66 8.27
C HIS A 179 -9.72 -2.21 7.90
N LEU A 180 -9.27 -3.22 8.64
CA LEU A 180 -8.01 -3.88 8.34
C LEU A 180 -8.09 -4.61 7.00
N ASN A 181 -9.13 -5.42 6.83
CA ASN A 181 -9.31 -6.16 5.59
C ASN A 181 -9.37 -5.24 4.37
N THR A 182 -10.04 -4.11 4.52
CA THR A 182 -10.16 -3.14 3.44
C THR A 182 -8.79 -2.62 3.04
N SER A 183 -8.03 -2.18 4.04
CA SER A 183 -6.69 -1.67 3.81
C SER A 183 -5.82 -2.73 3.14
N PHE A 184 -5.80 -3.92 3.72
CA PHE A 184 -4.94 -5.00 3.22
C PHE A 184 -5.35 -5.45 1.82
N LYS A 185 -6.65 -5.52 1.57
CA LYS A 185 -7.18 -5.97 0.29
C LYS A 185 -6.71 -5.02 -0.80
N HIS A 186 -6.81 -3.72 -0.52
CA HIS A 186 -6.39 -2.69 -1.45
C HIS A 186 -4.87 -2.75 -1.64
N PHE A 187 -4.15 -2.92 -0.55
CA PHE A 187 -2.71 -3.09 -0.60
C PHE A 187 -2.31 -4.24 -1.51
N ILE A 188 -2.98 -5.38 -1.34
CA ILE A 188 -2.60 -6.59 -2.05
C ILE A 188 -3.05 -6.53 -3.51
N PHE A 189 -4.21 -5.94 -3.76
CA PHE A 189 -4.65 -5.74 -5.14
C PHE A 189 -3.67 -4.85 -5.88
N PHE A 190 -3.14 -3.85 -5.20
CA PHE A 190 -2.16 -2.95 -5.81
C PHE A 190 -0.86 -3.69 -6.07
N VAL A 191 -0.37 -4.39 -5.05
CA VAL A 191 0.85 -5.19 -5.16
C VAL A 191 0.76 -6.18 -6.31
N GLN A 192 -0.38 -6.83 -6.43
CA GLN A 192 -0.57 -7.87 -7.45
C GLN A 192 -0.67 -7.29 -8.86
N GLU A 193 -1.31 -6.13 -8.98
CA GLU A 193 -1.49 -5.49 -10.28
C GLU A 193 -0.14 -5.26 -10.95
N PHE A 194 0.85 -4.89 -10.15
CA PHE A 194 2.16 -4.49 -10.67
C PHE A 194 3.27 -5.46 -10.26
N ASN A 195 2.89 -6.57 -9.64
CA ASN A 195 3.86 -7.59 -9.24
C ASN A 195 5.01 -6.99 -8.43
N LEU A 196 4.67 -6.32 -7.34
CA LEU A 196 5.64 -5.57 -6.56
C LEU A 196 6.23 -6.38 -5.41
N ILE A 197 5.63 -7.53 -5.13
CA ILE A 197 6.17 -8.43 -4.11
C ILE A 197 6.20 -9.87 -4.62
N ASP A 198 7.36 -10.51 -4.46
CA ASP A 198 7.54 -11.91 -4.83
C ASP A 198 6.53 -12.79 -4.08
N ARG A 199 5.96 -13.75 -4.80
CA ARG A 199 4.94 -14.63 -4.24
C ARG A 199 5.46 -15.35 -2.99
N ARG A 200 6.77 -15.55 -2.93
CA ARG A 200 7.40 -16.22 -1.80
C ARG A 200 7.20 -15.45 -0.50
N GLU A 201 7.37 -14.14 -0.56
CA GLU A 201 7.28 -13.32 0.65
C GLU A 201 5.85 -13.07 1.05
N LEU A 202 4.93 -13.39 0.15
CA LEU A 202 3.50 -13.29 0.43
C LEU A 202 2.99 -14.58 1.06
N ALA A 203 3.91 -15.54 1.26
CA ALA A 203 3.55 -16.85 1.81
C ALA A 203 2.76 -16.76 3.12
N PRO A 204 3.20 -15.91 4.07
CA PRO A 204 2.51 -15.79 5.36
C PRO A 204 1.01 -15.53 5.29
N LEU A 205 0.48 -15.16 4.13
CA LEU A 205 -0.95 -14.84 4.01
C LEU A 205 -1.57 -15.32 2.69
N GLN A 206 -1.02 -16.37 2.10
CA GLN A 206 -1.50 -16.88 0.82
C GLN A 206 -3.00 -17.14 0.80
N GLU A 207 -3.51 -17.72 1.88
CA GLU A 207 -4.89 -18.16 1.89
C GLU A 207 -5.85 -17.04 2.26
N LEU A 208 -5.36 -16.02 2.97
CA LEU A 208 -6.14 -14.81 3.16
C LEU A 208 -6.25 -14.08 1.83
N ILE A 209 -5.15 -14.07 1.10
CA ILE A 209 -5.08 -13.41 -0.18
C ILE A 209 -5.96 -14.12 -1.21
N GLU A 210 -5.86 -15.45 -1.28
CA GLU A 210 -6.68 -16.22 -2.21
C GLU A 210 -8.16 -16.06 -1.84
N LYS A 211 -8.42 -15.74 -0.58
CA LYS A 211 -9.77 -15.54 -0.08
C LYS A 211 -10.33 -14.17 -0.46
N LEU A 212 -9.44 -13.23 -0.79
CA LEU A 212 -9.84 -11.87 -1.14
C LEU A 212 -9.98 -11.68 -2.65
N GLY A 213 -9.58 -12.69 -3.42
CA GLY A 213 -9.72 -12.66 -4.86
C GLY A 213 -10.78 -13.64 -5.35
N SER B 42 -6.52 5.39 20.78
CA SER B 42 -7.84 4.95 20.36
C SER B 42 -7.85 4.65 18.85
N PRO B 43 -8.62 3.63 18.44
CA PRO B 43 -8.65 3.25 17.02
C PRO B 43 -9.61 4.06 16.17
N GLN B 44 -10.18 5.12 16.73
CA GLN B 44 -11.22 5.83 16.03
C GLN B 44 -10.70 6.52 14.77
N ALA B 45 -9.46 6.99 14.81
CA ALA B 45 -8.87 7.69 13.68
C ALA B 45 -8.60 6.74 12.52
N PHE B 46 -8.10 5.55 12.85
CA PHE B 46 -7.87 4.54 11.83
C PHE B 46 -9.19 4.15 11.19
N LYS B 47 -10.21 3.95 12.01
CA LYS B 47 -11.53 3.57 11.54
C LYS B 47 -12.14 4.65 10.64
N PHE B 48 -12.18 5.88 11.12
CA PHE B 48 -12.74 6.99 10.34
C PHE B 48 -12.02 7.15 9.02
N PHE B 49 -10.70 7.03 9.05
CA PHE B 49 -9.91 7.20 7.84
C PHE B 49 -10.22 6.14 6.80
N MET B 50 -10.33 4.89 7.22
CA MET B 50 -10.58 3.80 6.29
C MET B 50 -11.98 3.87 5.70
N GLU B 51 -12.95 4.27 6.52
CA GLU B 51 -14.32 4.47 6.04
C GLU B 51 -14.37 5.61 5.04
N GLN B 52 -13.53 6.61 5.26
CA GLN B 52 -13.47 7.79 4.41
C GLN B 52 -12.59 7.53 3.19
N HIS B 53 -11.62 6.65 3.36
CA HIS B 53 -10.63 6.37 2.34
C HIS B 53 -11.22 5.69 1.12
N VAL B 54 -12.05 4.67 1.36
CA VAL B 54 -12.60 3.89 0.27
C VAL B 54 -13.38 4.74 -0.73
N GLU B 55 -14.17 5.69 -0.24
CA GLU B 55 -14.98 6.51 -1.13
C GLU B 55 -14.13 7.59 -1.79
N ASN B 56 -13.07 8.02 -1.10
CA ASN B 56 -12.11 8.95 -1.68
C ASN B 56 -11.37 8.34 -2.87
N VAL B 57 -10.99 7.07 -2.74
CA VAL B 57 -10.35 6.34 -3.83
C VAL B 57 -11.25 6.33 -5.05
N LEU B 58 -12.51 6.02 -4.83
CA LEU B 58 -13.45 5.85 -5.94
C LEU B 58 -13.78 7.21 -6.56
N LYS B 59 -13.91 8.24 -5.73
CA LYS B 59 -14.21 9.57 -6.24
C LYS B 59 -13.07 10.10 -7.10
N SER B 60 -11.84 9.95 -6.63
CA SER B 60 -10.67 10.38 -7.37
C SER B 60 -10.62 9.70 -8.73
N HIS B 61 -11.03 8.43 -8.76
CA HIS B 61 -11.00 7.64 -9.97
C HIS B 61 -12.05 8.12 -10.98
N GLN B 62 -13.24 8.47 -10.51
CA GLN B 62 -14.29 8.89 -11.43
C GLN B 62 -14.09 10.34 -11.88
N GLN B 63 -13.40 11.13 -11.05
CA GLN B 63 -13.08 12.51 -11.41
C GLN B 63 -12.05 12.58 -12.53
N ARG B 64 -11.07 11.67 -12.49
CA ARG B 64 -10.09 11.56 -13.57
C ARG B 64 -10.77 11.24 -14.88
N LEU B 65 -11.66 10.25 -14.82
CA LEU B 65 -12.44 9.83 -15.96
C LEU B 65 -13.30 10.99 -16.46
N HIS B 66 -13.85 11.74 -15.53
CA HIS B 66 -14.74 12.85 -15.87
C HIS B 66 -13.99 13.91 -16.65
N ARG B 67 -12.83 14.32 -16.14
CA ARG B 67 -12.02 15.33 -16.81
C ARG B 67 -11.56 14.80 -18.17
N LYS B 68 -11.25 13.52 -18.22
CA LYS B 68 -10.86 12.89 -19.47
C LYS B 68 -12.01 12.95 -20.47
N LYS B 69 -13.21 12.63 -19.99
CA LYS B 69 -14.39 12.63 -20.85
C LYS B 69 -14.72 14.03 -21.34
N GLN B 70 -14.59 15.02 -20.45
CA GLN B 70 -14.87 16.40 -20.81
C GLN B 70 -13.97 16.87 -21.94
N LEU B 71 -12.68 16.53 -21.85
CA LEU B 71 -11.72 16.93 -22.88
C LEU B 71 -12.04 16.29 -24.22
N GLU B 72 -12.29 14.99 -24.21
CA GLU B 72 -12.67 14.28 -25.43
C GLU B 72 -13.93 14.90 -26.04
N ASN B 73 -14.91 15.16 -25.20
CA ASN B 73 -16.18 15.74 -25.64
C ASN B 73 -16.00 17.07 -26.38
N GLU B 74 -15.27 18.00 -25.77
CA GLU B 74 -15.08 19.31 -26.36
C GLU B 74 -14.24 19.22 -27.64
N MET B 75 -13.18 18.44 -27.59
CA MET B 75 -12.34 18.19 -28.76
C MET B 75 -13.16 17.76 -29.95
N MET B 76 -13.97 16.72 -29.73
CA MET B 76 -14.79 16.17 -30.79
C MET B 76 -15.81 17.19 -31.28
N ARG B 77 -16.31 18.01 -30.36
CA ARG B 77 -17.31 19.02 -30.70
C ARG B 77 -16.78 20.03 -31.72
N VAL B 78 -15.55 20.51 -31.51
CA VAL B 78 -14.99 21.55 -32.35
C VAL B 78 -14.20 20.97 -33.52
N GLY B 79 -13.93 19.67 -33.46
CA GLY B 79 -13.35 18.95 -34.58
C GLY B 79 -11.88 19.25 -34.83
N LEU B 80 -11.06 19.10 -33.79
CA LEU B 80 -9.63 19.35 -33.92
C LEU B 80 -8.92 18.22 -34.67
N SER B 81 -7.78 18.55 -35.27
CA SER B 81 -6.94 17.55 -35.92
C SER B 81 -6.48 16.53 -34.88
N GLN B 82 -6.25 15.30 -35.33
CA GLN B 82 -5.86 14.23 -34.41
C GLN B 82 -4.51 14.51 -33.78
N ASP B 83 -3.70 15.35 -34.43
CA ASP B 83 -2.44 15.79 -33.84
C ASP B 83 -2.70 16.72 -32.66
N ALA B 84 -3.62 17.66 -32.85
CA ALA B 84 -3.95 18.62 -31.81
C ALA B 84 -4.61 17.92 -30.63
N GLN B 85 -5.46 16.95 -30.93
CA GLN B 85 -6.12 16.16 -29.91
C GLN B 85 -5.10 15.40 -29.06
N ASP B 86 -4.14 14.75 -29.72
CA ASP B 86 -3.15 13.95 -29.00
C ASP B 86 -2.24 14.83 -28.14
N GLN B 87 -1.87 16.00 -28.66
CA GLN B 87 -1.10 16.96 -27.89
C GLN B 87 -1.80 17.26 -26.57
N MET B 88 -3.07 17.60 -26.66
CA MET B 88 -3.85 18.03 -25.50
C MET B 88 -4.18 16.89 -24.54
N ARG B 89 -4.45 15.70 -25.08
CA ARG B 89 -4.58 14.51 -24.25
C ARG B 89 -3.31 14.33 -23.43
N LYS B 90 -2.18 14.44 -24.10
CA LYS B 90 -0.89 14.38 -23.44
C LYS B 90 -0.81 15.41 -22.33
N MET B 91 -1.26 16.63 -22.62
CA MET B 91 -1.23 17.71 -21.64
C MET B 91 -2.10 17.38 -20.43
N LEU B 92 -3.26 16.76 -20.66
CA LEU B 92 -4.14 16.39 -19.57
C LEU B 92 -3.49 15.34 -18.69
N CYS B 93 -2.86 14.35 -19.31
CA CYS B 93 -2.19 13.27 -18.59
C CYS B 93 -1.09 13.82 -17.69
N GLN B 94 -0.30 14.77 -18.21
CA GLN B 94 0.76 15.36 -17.41
C GLN B 94 0.17 16.14 -16.24
N LYS B 95 -0.96 16.80 -16.47
CA LYS B 95 -1.59 17.57 -15.41
C LYS B 95 -2.12 16.66 -14.29
N GLU B 96 -2.73 15.55 -14.69
CA GLU B 96 -3.21 14.56 -13.73
C GLU B 96 -2.03 14.01 -12.94
N SER B 97 -0.94 13.71 -13.64
CA SER B 97 0.27 13.25 -13.00
C SER B 97 0.77 14.28 -11.98
N ASN B 98 0.87 15.53 -12.42
CA ASN B 98 1.26 16.62 -11.54
C ASN B 98 0.34 16.72 -10.32
N TYR B 99 -0.94 16.40 -10.52
CA TYR B 99 -1.92 16.57 -9.46
C TYR B 99 -1.69 15.61 -8.29
N ILE B 100 -1.42 14.35 -8.59
CA ILE B 100 -1.26 13.36 -7.53
C ILE B 100 0.11 13.48 -6.87
N ARG B 101 1.08 14.00 -7.61
CA ARG B 101 2.36 14.35 -7.00
C ARG B 101 2.13 15.39 -5.92
N LEU B 102 1.30 16.38 -6.23
CA LEU B 102 1.02 17.46 -5.29
C LEU B 102 0.18 16.99 -4.10
N LYS B 103 -0.73 16.04 -4.33
CA LYS B 103 -1.49 15.46 -3.23
C LYS B 103 -0.55 14.71 -2.30
N ARG B 104 0.41 14.00 -2.88
CA ARG B 104 1.41 13.28 -2.13
C ARG B 104 2.28 14.25 -1.33
N ALA B 105 2.44 15.47 -1.85
CA ALA B 105 3.20 16.51 -1.16
C ALA B 105 2.31 17.26 -0.18
ZN ZN C . 3.11 -8.26 17.92
#